data_1PZE
#
_entry.id   1PZE
#
_cell.length_a   77.459
_cell.length_b   77.459
_cell.length_c   218.577
_cell.angle_alpha   90.00
_cell.angle_beta   90.00
_cell.angle_gamma   90.00
#
_symmetry.space_group_name_H-M   'I 41 2 2'
#
loop_
_entity.id
_entity.type
_entity.pdbx_description
1 polymer 'lactate dehydrogenase'
2 water water
#
_entity_poly.entity_id   1
_entity_poly.type   'polypeptide(L)'
_entity_poly.pdbx_seq_one_letter_code
;MAPALVQRRKKVAMIGSGMIGGTMGYLCALRELADVVLYDVVKGMPEGKALDLSHVTSVVDTNVSVRAEYSYEAALTGAD
CVIVTAGLTKVPGKPDSEWSRNDLLPFNSKIIREIGQNIKKYCPKTFIIVVTNPLDCMVKVMCEASGVPTNMICGMACML
DSGRFRRYVADALSVSPRDVQATVIGTHGDCMVPLVRYITVNGYPIQKFIKDGVVTEKQLEEIAEHTKVSGGEIVRFLGQ
GSAYYAPAASAVAMATSFLNDEKRVIPCSVYCNGEYGLKDMFIGLPAVIGGAGIERVIELELNEEEKKQFQKSVDDVMAL
NKAVAALQAPG
;
_entity_poly.pdbx_strand_id   A
#
# COMPACT_ATOMS: atom_id res chain seq x y z
N PRO A 3 28.47 27.36 -2.72
CA PRO A 3 27.41 27.63 -3.73
C PRO A 3 26.05 26.99 -3.42
N ALA A 4 25.08 27.23 -4.29
CA ALA A 4 23.72 26.71 -4.11
C ALA A 4 23.59 25.23 -4.43
N LEU A 5 22.66 24.57 -3.74
CA LEU A 5 22.40 23.15 -3.95
C LEU A 5 21.58 23.03 -5.23
N VAL A 6 22.16 22.37 -6.23
CA VAL A 6 21.48 22.20 -7.51
C VAL A 6 20.67 20.88 -7.48
N GLN A 7 21.28 19.79 -7.01
CA GLN A 7 20.58 18.51 -6.92
C GLN A 7 20.34 18.19 -5.44
N ARG A 8 19.08 18.14 -5.00
CA ARG A 8 18.83 17.79 -3.62
C ARG A 8 18.32 16.36 -3.63
N ARG A 9 18.48 15.68 -2.51
CA ARG A 9 18.02 14.31 -2.39
C ARG A 9 16.52 14.32 -2.29
N LYS A 10 15.90 13.22 -2.70
CA LYS A 10 14.48 13.12 -2.57
C LYS A 10 14.24 13.04 -1.06
N LYS A 11 13.01 13.32 -0.65
CA LYS A 11 12.68 13.24 0.78
C LYS A 11 11.39 12.47 0.96
N VAL A 12 11.40 11.46 1.84
CA VAL A 12 10.18 10.70 2.05
C VAL A 12 9.79 10.81 3.51
N ALA A 13 8.55 11.24 3.77
CA ALA A 13 8.08 11.39 5.15
C ALA A 13 7.23 10.21 5.55
N MET A 14 7.63 9.50 6.61
CA MET A 14 6.87 8.35 7.12
C MET A 14 5.98 8.92 8.25
N ILE A 15 4.68 9.11 7.99
CA ILE A 15 3.77 9.62 9.01
C ILE A 15 3.31 8.34 9.70
N GLY A 16 3.98 8.02 10.80
CA GLY A 16 3.70 6.79 11.51
C GLY A 16 5.07 6.11 11.52
N SER A 17 5.56 5.81 12.72
CA SER A 17 6.88 5.18 12.88
C SER A 17 6.85 3.90 13.68
N GLY A 18 5.78 3.11 13.51
CA GLY A 18 5.67 1.84 14.18
C GLY A 18 6.46 0.87 13.34
N MET A 19 6.14 -0.42 13.38
CA MET A 19 6.93 -1.36 12.61
C MET A 19 7.02 -1.06 11.10
N ILE A 20 5.92 -0.74 10.41
CA ILE A 20 6.06 -0.50 8.96
C ILE A 20 6.85 0.78 8.62
N GLY A 21 6.58 1.87 9.35
CA GLY A 21 7.27 3.13 9.10
C GLY A 21 8.80 3.01 9.26
N GLY A 22 9.25 2.37 10.34
CA GLY A 22 10.68 2.22 10.56
C GLY A 22 11.32 1.28 9.52
N THR A 23 10.60 0.24 9.12
CA THR A 23 11.12 -0.69 8.11
C THR A 23 11.23 0.02 6.76
N MET A 24 10.27 0.90 6.46
CA MET A 24 10.34 1.63 5.20
C MET A 24 11.56 2.56 5.29
N GLY A 25 11.82 3.13 6.48
CA GLY A 25 12.98 4.02 6.60
C GLY A 25 14.26 3.21 6.37
N TYR A 26 14.27 1.98 6.84
CA TYR A 26 15.42 1.10 6.63
C TYR A 26 15.67 0.89 5.13
N LEU A 27 14.63 0.56 4.35
CA LEU A 27 14.82 0.40 2.92
C LEU A 27 15.42 1.67 2.32
N CYS A 28 14.96 2.85 2.75
CA CYS A 28 15.52 4.08 2.20
C CYS A 28 17.02 4.22 2.52
N ALA A 29 17.41 3.88 3.73
CA ALA A 29 18.81 4.03 4.13
C ALA A 29 19.69 3.02 3.41
N LEU A 30 19.20 1.78 3.35
CA LEU A 30 19.92 0.70 2.67
C LEU A 30 20.19 0.95 1.17
N ARG A 31 19.21 1.54 0.48
CA ARG A 31 19.30 1.79 -0.97
C ARG A 31 19.69 3.24 -1.31
N GLU A 32 19.91 4.07 -0.29
CA GLU A 32 20.23 5.48 -0.50
C GLU A 32 19.15 6.11 -1.36
N LEU A 33 17.90 5.68 -1.16
CA LEU A 33 16.78 6.18 -1.93
C LEU A 33 16.39 7.65 -1.65
N ALA A 34 16.43 8.07 -0.40
CA ALA A 34 15.98 9.42 -0.11
C ALA A 34 16.26 9.75 1.34
N ASP A 35 16.24 11.04 1.67
CA ASP A 35 16.34 11.44 3.07
C ASP A 35 15.01 10.97 3.65
N VAL A 36 15.03 10.63 4.94
CA VAL A 36 13.86 10.10 5.62
C VAL A 36 13.51 10.89 6.87
N VAL A 37 12.23 11.12 7.06
CA VAL A 37 11.80 11.74 8.30
C VAL A 37 10.83 10.71 8.90
N LEU A 38 11.06 10.38 10.16
CA LEU A 38 10.20 9.44 10.88
C LEU A 38 9.34 10.33 11.81
N TYR A 39 8.04 10.32 11.59
CA TYR A 39 7.11 11.12 12.42
C TYR A 39 6.20 10.20 13.20
N ASP A 40 5.74 10.66 14.37
CA ASP A 40 4.77 9.88 15.11
C ASP A 40 4.24 10.74 16.25
N VAL A 41 3.10 10.37 16.83
CA VAL A 41 2.57 11.17 17.91
C VAL A 41 3.24 10.75 19.23
N VAL A 42 3.65 9.49 19.30
CA VAL A 42 4.32 8.93 20.46
C VAL A 42 5.80 9.32 20.45
N LYS A 43 6.21 10.15 21.38
CA LYS A 43 7.60 10.59 21.49
C LYS A 43 8.50 9.41 21.93
N GLY A 44 9.72 9.35 21.38
CA GLY A 44 10.61 8.29 21.78
C GLY A 44 11.02 7.33 20.67
N MET A 45 10.09 6.47 20.26
CA MET A 45 10.39 5.49 19.20
C MET A 45 11.02 6.11 17.94
N PRO A 46 10.39 7.15 17.38
CA PRO A 46 10.93 7.82 16.18
C PRO A 46 12.41 8.26 16.33
N GLU A 47 12.76 8.82 17.48
CA GLU A 47 14.14 9.25 17.68
C GLU A 47 15.11 8.08 17.83
N GLY A 48 14.70 7.00 18.48
CA GLY A 48 15.61 5.88 18.63
C GLY A 48 15.81 5.20 17.26
N LYS A 49 14.71 5.04 16.51
CA LYS A 49 14.77 4.39 15.20
C LYS A 49 15.56 5.24 14.23
N ALA A 50 15.42 6.58 14.30
CA ALA A 50 16.16 7.48 13.40
C ALA A 50 17.66 7.38 13.66
N LEU A 51 18.08 7.23 14.93
CA LEU A 51 19.51 7.10 15.22
C LEU A 51 20.02 5.78 14.70
N ASP A 52 19.30 4.70 14.99
CA ASP A 52 19.69 3.37 14.55
C ASP A 52 19.87 3.38 13.00
N LEU A 53 18.89 4.00 12.34
CA LEU A 53 18.91 4.09 10.89
C LEU A 53 20.07 4.94 10.40
N SER A 54 20.40 6.03 11.10
CA SER A 54 21.52 6.86 10.66
C SER A 54 22.80 6.00 10.74
N HIS A 55 22.87 5.13 11.75
CA HIS A 55 24.05 4.27 11.90
C HIS A 55 24.15 3.24 10.75
N VAL A 56 23.00 2.77 10.27
CA VAL A 56 22.96 1.84 9.13
C VAL A 56 23.72 2.45 7.92
N THR A 57 23.53 3.76 7.66
CA THR A 57 24.15 4.39 6.49
C THR A 57 25.66 4.17 6.51
N SER A 58 26.28 4.32 7.68
CA SER A 58 27.72 4.08 7.80
C SER A 58 28.06 2.64 7.44
N VAL A 59 27.35 1.73 8.08
CA VAL A 59 27.60 0.32 7.88
C VAL A 59 27.48 -0.11 6.42
N VAL A 60 26.47 0.38 5.72
CA VAL A 60 26.27 -0.03 4.32
C VAL A 60 26.81 0.96 3.31
N ASP A 61 27.56 1.95 3.81
CA ASP A 61 28.25 2.90 2.93
C ASP A 61 27.32 3.75 2.05
N THR A 62 26.23 4.27 2.60
CA THR A 62 25.33 5.13 1.84
C THR A 62 25.27 6.45 2.59
N ASN A 63 24.68 7.48 2.00
CA ASN A 63 24.58 8.73 2.74
C ASN A 63 23.22 9.38 2.53
N VAL A 64 22.31 9.17 3.48
CA VAL A 64 21.03 9.87 3.45
C VAL A 64 20.87 10.29 4.90
N SER A 65 20.04 11.30 5.11
CA SER A 65 19.78 11.83 6.44
C SER A 65 18.52 11.19 6.98
N VAL A 66 18.57 10.63 8.19
CA VAL A 66 17.35 10.05 8.78
C VAL A 66 17.11 10.85 10.07
N ARG A 67 15.97 11.50 10.18
CA ARG A 67 15.64 12.33 11.32
C ARG A 67 14.26 12.05 11.85
N ALA A 68 14.07 12.28 13.15
CA ALA A 68 12.74 12.14 13.73
C ALA A 68 12.10 13.53 13.78
N GLU A 69 10.78 13.63 13.57
CA GLU A 69 10.10 14.94 13.68
C GLU A 69 8.74 14.68 14.29
N TYR A 70 8.29 15.58 15.16
CA TYR A 70 7.00 15.38 15.82
C TYR A 70 5.90 16.36 15.45
N SER A 71 6.26 17.35 14.65
CA SER A 71 5.29 18.33 14.19
C SER A 71 5.09 18.10 12.68
N TYR A 72 3.90 18.46 12.22
CA TYR A 72 3.54 18.29 10.83
C TYR A 72 4.39 19.17 9.93
N GLU A 73 4.57 20.42 10.33
CA GLU A 73 5.33 21.30 9.48
C GLU A 73 6.74 20.78 9.20
N ALA A 74 7.40 20.25 10.22
CA ALA A 74 8.77 19.74 9.99
C ALA A 74 8.81 18.37 9.30
N ALA A 75 7.82 17.52 9.54
CA ALA A 75 7.83 16.20 8.91
C ALA A 75 7.44 16.30 7.43
N LEU A 76 6.44 17.14 7.15
CA LEU A 76 5.90 17.31 5.81
C LEU A 76 6.54 18.26 4.82
N THR A 77 7.08 19.37 5.31
CA THR A 77 7.67 20.36 4.42
C THR A 77 8.78 19.76 3.53
N GLY A 78 8.68 19.96 2.23
CA GLY A 78 9.67 19.44 1.30
C GLY A 78 9.55 17.95 0.95
N ALA A 79 8.55 17.27 1.49
CA ALA A 79 8.38 15.83 1.19
C ALA A 79 7.90 15.58 -0.23
N ASP A 80 8.68 14.78 -0.95
CA ASP A 80 8.33 14.38 -2.31
C ASP A 80 7.29 13.29 -2.27
N CYS A 81 7.28 12.52 -1.17
CA CYS A 81 6.36 11.41 -0.99
C CYS A 81 6.10 11.29 0.48
N VAL A 82 4.86 10.96 0.82
CA VAL A 82 4.43 10.82 2.20
C VAL A 82 3.73 9.49 2.30
N ILE A 83 4.19 8.65 3.22
CA ILE A 83 3.63 7.32 3.40
C ILE A 83 3.05 7.24 4.80
N VAL A 84 1.76 7.07 4.85
CA VAL A 84 1.01 7.09 6.08
C VAL A 84 0.59 5.78 6.65
N THR A 85 1.07 5.47 7.85
CA THR A 85 0.70 4.23 8.51
C THR A 85 0.04 4.56 9.86
N ALA A 86 -0.08 5.84 10.16
CA ALA A 86 -0.69 6.31 11.44
C ALA A 86 -2.11 5.75 11.65
N GLY A 87 -2.55 5.60 12.90
CA GLY A 87 -3.90 5.09 13.14
C GLY A 87 -4.00 3.75 13.85
N LEU A 88 -5.22 3.33 14.21
CA LEU A 88 -5.39 2.04 14.88
C LEU A 88 -5.24 0.97 13.82
N THR A 89 -4.84 -0.23 14.23
CA THR A 89 -4.70 -1.36 13.31
C THR A 89 -6.03 -2.10 13.32
N LYS A 90 -6.47 -2.57 12.16
CA LYS A 90 -7.72 -3.29 12.08
C LYS A 90 -7.59 -4.72 12.62
N VAL A 91 -8.75 -5.40 12.66
CA VAL A 91 -8.85 -6.80 13.07
C VAL A 91 -8.65 -7.58 11.78
N PRO A 92 -7.82 -8.65 11.81
CA PRO A 92 -7.57 -9.47 10.62
C PRO A 92 -8.88 -9.82 9.91
N GLY A 93 -8.88 -9.71 8.58
CA GLY A 93 -10.07 -10.02 7.82
C GLY A 93 -11.33 -9.33 8.33
N SER A 97 -16.72 -3.21 10.01
CA SER A 97 -17.77 -4.20 10.16
C SER A 97 -18.48 -4.12 11.51
N GLU A 98 -17.73 -4.24 12.61
CA GLU A 98 -18.32 -4.19 13.96
C GLU A 98 -17.66 -3.15 14.88
N TRP A 99 -16.53 -3.51 15.50
CA TRP A 99 -15.77 -2.61 16.39
C TRP A 99 -15.09 -1.57 15.53
N SER A 100 -14.84 -1.94 14.28
CA SER A 100 -14.18 -1.05 13.35
C SER A 100 -15.07 0.13 13.03
N ARG A 101 -16.37 -0.10 12.93
CA ARG A 101 -17.30 0.98 12.62
C ARG A 101 -17.44 1.92 13.80
N ASN A 102 -17.47 1.38 15.00
CA ASN A 102 -17.65 2.23 16.15
C ASN A 102 -16.38 2.71 16.83
N ASP A 103 -15.22 2.14 16.52
CA ASP A 103 -13.99 2.58 17.16
C ASP A 103 -12.88 2.90 16.15
N LEU A 104 -12.60 1.96 15.26
CA LEU A 104 -11.59 2.14 14.23
C LEU A 104 -11.90 3.32 13.30
N LEU A 105 -13.09 3.29 12.70
CA LEU A 105 -13.52 4.31 11.76
C LEU A 105 -13.52 5.75 12.27
N PRO A 106 -14.15 6.03 13.43
CA PRO A 106 -14.12 7.43 13.88
C PRO A 106 -12.69 7.90 14.13
N PHE A 107 -11.93 7.09 14.86
CA PHE A 107 -10.56 7.44 15.19
C PHE A 107 -9.68 7.61 13.94
N ASN A 108 -9.65 6.62 13.06
CA ASN A 108 -8.79 6.72 11.89
C ASN A 108 -9.25 7.73 10.84
N SER A 109 -10.57 7.87 10.61
CA SER A 109 -11.05 8.85 9.62
C SER A 109 -10.66 10.24 10.09
N LYS A 110 -10.72 10.45 11.41
CA LYS A 110 -10.36 11.74 11.99
C LYS A 110 -8.85 12.01 11.81
N ILE A 111 -8.00 11.06 12.21
CA ILE A 111 -6.56 11.30 12.06
C ILE A 111 -6.08 11.44 10.60
N ILE A 112 -6.65 10.64 9.70
CA ILE A 112 -6.28 10.72 8.28
C ILE A 112 -6.73 12.08 7.75
N ARG A 113 -7.91 12.53 8.16
CA ARG A 113 -8.37 13.82 7.67
C ARG A 113 -7.42 14.93 8.10
N GLU A 114 -6.97 14.86 9.35
CA GLU A 114 -6.05 15.87 9.88
C GLU A 114 -4.70 15.78 9.17
N ILE A 115 -4.24 14.58 8.89
CA ILE A 115 -2.96 14.46 8.20
C ILE A 115 -3.16 15.10 6.81
N GLY A 116 -4.26 14.81 6.15
CA GLY A 116 -4.46 15.42 4.82
C GLY A 116 -4.49 16.94 4.86
N GLN A 117 -5.16 17.51 5.86
CA GLN A 117 -5.23 18.98 5.95
C GLN A 117 -3.83 19.50 6.09
N ASN A 118 -2.96 18.77 6.76
CA ASN A 118 -1.60 19.27 6.91
C ASN A 118 -0.77 19.06 5.67
N ILE A 119 -1.11 18.04 4.88
CA ILE A 119 -0.38 17.86 3.63
C ILE A 119 -0.80 19.01 2.70
N LYS A 120 -2.06 19.38 2.73
CA LYS A 120 -2.52 20.47 1.87
C LYS A 120 -1.71 21.75 2.21
N LYS A 121 -1.48 21.94 3.50
CA LYS A 121 -0.77 23.11 4.01
C LYS A 121 0.74 23.11 3.72
N TYR A 122 1.41 21.98 3.96
CA TYR A 122 2.85 21.93 3.80
C TYR A 122 3.50 21.30 2.56
N CYS A 123 2.86 20.29 1.96
CA CYS A 123 3.45 19.65 0.77
C CYS A 123 2.33 19.26 -0.23
N PRO A 124 1.62 20.27 -0.77
CA PRO A 124 0.53 20.01 -1.72
C PRO A 124 0.89 19.28 -3.01
N LYS A 125 2.17 19.29 -3.37
CA LYS A 125 2.66 18.63 -4.58
C LYS A 125 3.23 17.22 -4.31
N THR A 126 3.05 16.72 -3.09
CA THR A 126 3.61 15.40 -2.75
C THR A 126 2.79 14.25 -3.39
N PHE A 127 3.35 13.05 -3.31
CA PHE A 127 2.69 11.82 -3.79
C PHE A 127 2.35 11.13 -2.50
N ILE A 128 1.06 10.92 -2.24
CA ILE A 128 0.64 10.32 -1.01
C ILE A 128 0.38 8.84 -1.12
N ILE A 129 0.97 8.05 -0.24
CA ILE A 129 0.68 6.63 -0.26
C ILE A 129 0.08 6.28 1.11
N VAL A 130 -1.18 5.88 1.13
CA VAL A 130 -1.83 5.54 2.36
C VAL A 130 -1.69 4.03 2.62
N VAL A 131 -1.45 3.68 3.88
CA VAL A 131 -1.37 2.28 4.30
C VAL A 131 -2.47 2.03 5.35
N THR A 132 -2.69 3.04 6.19
CA THR A 132 -3.73 2.98 7.26
C THR A 132 -5.04 2.37 6.81
N ASN A 133 -5.58 1.45 7.60
CA ASN A 133 -6.86 0.78 7.29
C ASN A 133 -8.10 1.42 7.94
N PRO A 134 -9.30 1.17 7.39
CA PRO A 134 -9.60 0.34 6.21
C PRO A 134 -9.09 1.12 5.01
N LEU A 135 -8.15 0.53 4.27
CA LEU A 135 -7.48 1.24 3.17
C LEU A 135 -8.24 2.10 2.16
N ASP A 136 -9.07 1.48 1.32
CA ASP A 136 -9.75 2.21 0.26
C ASP A 136 -10.58 3.37 0.81
N CYS A 137 -11.22 3.13 1.95
CA CYS A 137 -12.03 4.16 2.62
C CYS A 137 -11.12 5.33 3.02
N MET A 138 -10.03 5.03 3.74
CA MET A 138 -9.08 6.06 4.19
C MET A 138 -8.41 6.80 3.05
N VAL A 139 -8.19 6.15 1.92
CA VAL A 139 -7.59 6.87 0.80
C VAL A 139 -8.56 7.98 0.31
N LYS A 140 -9.87 7.70 0.33
CA LYS A 140 -10.82 8.72 -0.11
C LYS A 140 -10.82 9.89 0.91
N VAL A 141 -10.84 9.57 2.19
CA VAL A 141 -10.79 10.62 3.24
C VAL A 141 -9.52 11.47 3.04
N MET A 142 -8.41 10.81 2.73
CA MET A 142 -7.16 11.53 2.51
C MET A 142 -7.22 12.40 1.26
N CYS A 143 -7.81 11.87 0.20
CA CYS A 143 -7.90 12.63 -1.04
C CYS A 143 -8.72 13.90 -0.77
N GLU A 144 -9.87 13.74 -0.14
CA GLU A 144 -10.71 14.91 0.15
C GLU A 144 -10.06 15.95 1.08
N ALA A 145 -9.36 15.49 2.12
CA ALA A 145 -8.71 16.41 3.06
C ALA A 145 -7.48 17.12 2.51
N SER A 146 -6.65 16.41 1.77
CA SER A 146 -5.43 16.96 1.24
C SER A 146 -5.65 17.79 0.01
N GLY A 147 -6.70 17.48 -0.75
CA GLY A 147 -6.96 18.25 -1.96
C GLY A 147 -5.96 18.06 -3.11
N VAL A 148 -5.14 17.01 -3.05
CA VAL A 148 -4.19 16.83 -4.14
C VAL A 148 -4.85 16.24 -5.38
N PRO A 149 -4.25 16.42 -6.55
CA PRO A 149 -4.84 15.83 -7.77
C PRO A 149 -5.08 14.32 -7.49
N THR A 150 -6.17 13.75 -8.03
CA THR A 150 -6.54 12.35 -7.79
C THR A 150 -5.47 11.34 -8.27
N ASN A 151 -4.61 11.75 -9.20
CA ASN A 151 -3.54 10.87 -9.67
C ASN A 151 -2.35 10.88 -8.70
N MET A 152 -2.38 11.76 -7.68
CA MET A 152 -1.26 11.89 -6.74
C MET A 152 -1.49 11.28 -5.36
N ILE A 153 -2.47 10.39 -5.29
CA ILE A 153 -2.73 9.71 -4.04
C ILE A 153 -3.15 8.28 -4.41
N CYS A 154 -2.68 7.30 -3.63
CA CYS A 154 -3.08 5.93 -3.83
C CYS A 154 -2.91 5.24 -2.48
N GLY A 155 -3.32 3.98 -2.41
CA GLY A 155 -3.18 3.24 -1.17
C GLY A 155 -2.43 1.93 -1.41
N MET A 156 -1.54 1.56 -0.48
CA MET A 156 -0.80 0.29 -0.61
C MET A 156 -1.57 -0.84 0.07
N ALA A 157 -1.88 -1.90 -0.67
CA ALA A 157 -2.47 -3.12 -0.12
C ALA A 157 -2.36 -4.28 -1.11
N CYS A 158 -2.93 -4.06 -2.30
CA CYS A 158 -2.96 -5.10 -3.30
C CYS A 158 -1.57 -5.59 -3.73
N MET A 159 -0.54 -4.76 -3.64
CA MET A 159 0.78 -5.26 -4.04
C MET A 159 1.24 -6.26 -3.00
N LEU A 160 0.90 -6.00 -1.74
CA LEU A 160 1.25 -6.95 -0.67
C LEU A 160 0.49 -8.27 -0.85
N ASP A 161 -0.81 -8.18 -1.13
CA ASP A 161 -1.64 -9.36 -1.29
C ASP A 161 -1.18 -10.10 -2.55
N SER A 162 -0.83 -9.35 -3.58
CA SER A 162 -0.35 -9.99 -4.80
C SER A 162 1.02 -10.64 -4.53
N GLY A 163 1.85 -10.02 -3.69
CA GLY A 163 3.16 -10.61 -3.40
C GLY A 163 2.98 -11.94 -2.68
N ARG A 164 2.01 -11.99 -1.75
CA ARG A 164 1.76 -13.26 -1.06
C ARG A 164 1.33 -14.34 -2.07
N PHE A 165 0.35 -13.98 -2.89
CA PHE A 165 -0.21 -14.84 -3.94
C PHE A 165 0.95 -15.39 -4.81
N ARG A 166 1.82 -14.51 -5.27
CA ARG A 166 2.93 -14.92 -6.11
C ARG A 166 3.94 -15.82 -5.42
N ARG A 167 4.18 -15.59 -4.15
CA ARG A 167 5.12 -16.42 -3.43
C ARG A 167 4.58 -17.86 -3.36
N TYR A 168 3.26 -18.02 -3.09
CA TYR A 168 2.70 -19.35 -2.99
C TYR A 168 2.71 -20.07 -4.32
N VAL A 169 2.32 -19.37 -5.38
CA VAL A 169 2.34 -19.98 -6.70
C VAL A 169 3.81 -20.34 -7.07
N ALA A 170 4.75 -19.43 -6.79
CA ALA A 170 6.15 -19.68 -7.11
C ALA A 170 6.65 -20.95 -6.40
N ASP A 171 6.23 -21.17 -5.16
CA ASP A 171 6.65 -22.40 -4.48
C ASP A 171 6.01 -23.61 -5.14
N ALA A 172 4.75 -23.51 -5.50
CA ALA A 172 4.07 -24.63 -6.14
C ALA A 172 4.69 -25.00 -7.48
N LEU A 173 5.18 -24.00 -8.22
CA LEU A 173 5.76 -24.26 -9.54
C LEU A 173 7.30 -24.40 -9.53
N SER A 174 7.93 -24.11 -8.40
CA SER A 174 9.39 -24.07 -8.30
C SER A 174 10.04 -23.08 -9.27
N VAL A 175 9.55 -21.84 -9.30
CA VAL A 175 10.17 -20.80 -10.13
C VAL A 175 10.35 -19.60 -9.21
N SER A 176 11.18 -18.64 -9.64
CA SER A 176 11.36 -17.40 -8.87
C SER A 176 10.04 -16.62 -8.94
N PRO A 177 9.59 -15.98 -7.85
CA PRO A 177 8.34 -15.21 -7.93
C PRO A 177 8.49 -13.99 -8.88
N ARG A 178 9.72 -13.61 -9.21
CA ARG A 178 9.94 -12.53 -10.18
C ARG A 178 9.15 -12.92 -11.42
N ASP A 179 9.14 -14.22 -11.75
CA ASP A 179 8.47 -14.69 -12.94
C ASP A 179 7.05 -15.19 -12.77
N VAL A 180 6.43 -14.90 -11.63
CA VAL A 180 5.02 -15.25 -11.49
C VAL A 180 4.28 -13.93 -11.51
N GLN A 181 3.35 -13.78 -12.46
CA GLN A 181 2.52 -12.59 -12.41
C GLN A 181 1.18 -13.10 -11.81
N ALA A 182 0.84 -12.69 -10.60
CA ALA A 182 -0.44 -13.09 -9.98
C ALA A 182 -0.91 -11.80 -9.33
N THR A 183 -2.20 -11.47 -9.51
CA THR A 183 -2.76 -10.23 -8.99
C THR A 183 -4.02 -10.43 -8.13
N VAL A 184 -4.12 -9.58 -7.11
CA VAL A 184 -5.28 -9.53 -6.24
C VAL A 184 -5.85 -8.11 -6.46
N ILE A 185 -7.15 -8.01 -6.70
CA ILE A 185 -7.78 -6.69 -6.86
C ILE A 185 -8.87 -6.59 -5.80
N GLY A 186 -9.48 -5.43 -5.65
CA GLY A 186 -10.52 -5.30 -4.66
C GLY A 186 -10.08 -4.55 -3.42
N THR A 187 -10.67 -4.89 -2.27
CA THR A 187 -10.32 -4.22 -1.02
C THR A 187 -9.60 -5.26 -0.13
N HIS A 188 -8.74 -4.78 0.76
CA HIS A 188 -7.94 -5.62 1.67
C HIS A 188 -8.76 -6.23 2.82
N GLY A 189 -9.25 -7.46 2.62
CA GLY A 189 -10.02 -8.19 3.61
C GLY A 189 -10.43 -9.52 3.00
N ASP A 190 -11.37 -10.24 3.59
CA ASP A 190 -11.79 -11.52 3.03
C ASP A 190 -12.46 -11.29 1.68
N CYS A 191 -12.82 -10.03 1.41
CA CYS A 191 -13.45 -9.59 0.17
C CYS A 191 -12.45 -9.50 -1.02
N MET A 192 -11.14 -9.53 -0.76
CA MET A 192 -10.15 -9.40 -1.86
C MET A 192 -10.37 -10.45 -2.96
N VAL A 193 -9.93 -10.15 -4.17
CA VAL A 193 -10.11 -11.06 -5.29
C VAL A 193 -8.83 -11.56 -5.93
N PRO A 194 -8.28 -12.69 -5.49
CA PRO A 194 -7.05 -13.10 -6.19
C PRO A 194 -7.49 -13.69 -7.53
N LEU A 195 -6.98 -13.15 -8.65
CA LEU A 195 -7.39 -13.60 -9.96
C LEU A 195 -6.68 -14.85 -10.45
N VAL A 196 -7.11 -16.00 -9.95
CA VAL A 196 -6.48 -17.26 -10.34
C VAL A 196 -6.42 -17.48 -11.83
N ARG A 197 -7.46 -17.08 -12.54
CA ARG A 197 -7.52 -17.32 -13.99
C ARG A 197 -6.46 -16.55 -14.77
N TYR A 198 -6.09 -15.38 -14.25
CA TYR A 198 -5.09 -14.51 -14.85
C TYR A 198 -3.64 -14.89 -14.52
N ILE A 199 -3.41 -15.80 -13.59
CA ILE A 199 -2.01 -16.16 -13.26
C ILE A 199 -1.20 -16.49 -14.49
N THR A 200 0.01 -15.93 -14.61
CA THR A 200 0.88 -16.28 -15.73
C THR A 200 2.30 -16.54 -15.18
N VAL A 201 3.06 -17.36 -15.88
CA VAL A 201 4.44 -17.66 -15.53
C VAL A 201 5.18 -17.01 -16.69
N ASN A 202 5.85 -15.88 -16.44
CA ASN A 202 6.50 -15.06 -17.48
C ASN A 202 5.56 -14.90 -18.68
N GLY A 203 4.30 -14.52 -18.41
CA GLY A 203 3.35 -14.34 -19.49
C GLY A 203 2.68 -15.57 -20.11
N TYR A 204 3.04 -16.77 -19.64
CA TYR A 204 2.46 -18.03 -20.11
C TYR A 204 1.31 -18.38 -19.14
N PRO A 205 0.07 -18.49 -19.65
CA PRO A 205 -1.11 -18.79 -18.83
C PRO A 205 -0.98 -20.02 -17.97
N ILE A 206 -1.52 -19.95 -16.76
CA ILE A 206 -1.48 -21.07 -15.82
C ILE A 206 -2.30 -22.27 -16.32
N GLN A 207 -3.32 -22.04 -17.15
CA GLN A 207 -4.15 -23.19 -17.62
C GLN A 207 -3.32 -24.35 -18.20
N LYS A 208 -2.25 -24.03 -18.94
CA LYS A 208 -1.43 -25.08 -19.52
C LYS A 208 -0.64 -25.85 -18.47
N PHE A 209 -0.25 -25.16 -17.40
CA PHE A 209 0.50 -25.81 -16.35
C PHE A 209 -0.45 -26.80 -15.64
N ILE A 210 -1.74 -26.48 -15.62
CA ILE A 210 -2.74 -27.38 -15.01
C ILE A 210 -2.89 -28.58 -15.93
N LYS A 211 -3.02 -28.33 -17.23
CA LYS A 211 -3.15 -29.42 -18.19
C LYS A 211 -1.92 -30.34 -18.10
N ASP A 212 -0.74 -29.78 -17.89
CA ASP A 212 0.48 -30.57 -17.84
C ASP A 212 0.72 -31.25 -16.49
N GLY A 213 -0.22 -31.11 -15.57
CA GLY A 213 -0.06 -31.78 -14.28
C GLY A 213 0.91 -31.15 -13.30
N VAL A 214 1.36 -29.93 -13.59
CA VAL A 214 2.30 -29.25 -12.71
C VAL A 214 1.60 -28.79 -11.42
N VAL A 215 0.38 -28.31 -11.55
CA VAL A 215 -0.38 -27.82 -10.41
C VAL A 215 -1.84 -28.13 -10.74
N THR A 216 -2.72 -28.26 -9.75
CA THR A 216 -4.13 -28.53 -10.04
C THR A 216 -5.00 -27.31 -9.73
N GLU A 217 -6.23 -27.31 -10.25
CA GLU A 217 -7.14 -26.22 -10.00
C GLU A 217 -7.40 -26.07 -8.50
N LYS A 218 -7.61 -27.18 -7.83
CA LYS A 218 -7.90 -27.12 -6.41
C LYS A 218 -6.76 -26.49 -5.64
N GLN A 219 -5.56 -26.84 -6.06
CA GLN A 219 -4.34 -26.33 -5.44
C GLN A 219 -4.28 -24.80 -5.58
N LEU A 220 -4.69 -24.30 -6.74
CA LEU A 220 -4.67 -22.86 -6.99
C LEU A 220 -5.71 -22.18 -6.13
N GLU A 221 -6.85 -22.83 -5.94
CA GLU A 221 -7.89 -22.24 -5.08
C GLU A 221 -7.46 -22.26 -3.62
N GLU A 222 -6.70 -23.28 -3.22
CA GLU A 222 -6.18 -23.33 -1.83
C GLU A 222 -5.18 -22.17 -1.66
N ILE A 223 -4.40 -21.90 -2.71
CA ILE A 223 -3.42 -20.80 -2.66
C ILE A 223 -4.17 -19.47 -2.58
N ALA A 224 -5.25 -19.33 -3.36
CA ALA A 224 -6.06 -18.12 -3.36
C ALA A 224 -6.62 -17.91 -1.93
N GLU A 225 -7.10 -19.00 -1.31
CA GLU A 225 -7.65 -18.87 0.05
C GLU A 225 -6.52 -18.52 1.04
N HIS A 226 -5.35 -19.13 0.85
CA HIS A 226 -4.21 -18.85 1.72
C HIS A 226 -3.86 -17.37 1.63
N THR A 227 -3.88 -16.84 0.40
CA THR A 227 -3.59 -15.41 0.18
C THR A 227 -4.59 -14.56 0.99
N LYS A 228 -5.88 -14.88 0.92
CA LYS A 228 -6.86 -14.08 1.67
C LYS A 228 -6.65 -14.04 3.18
N VAL A 229 -6.18 -15.14 3.78
CA VAL A 229 -6.00 -15.15 5.21
C VAL A 229 -4.56 -14.95 5.67
N SER A 230 -3.68 -14.57 4.72
CA SER A 230 -2.27 -14.40 5.06
C SER A 230 -1.98 -13.35 6.12
N GLY A 231 -2.72 -12.23 6.09
CA GLY A 231 -2.49 -11.19 7.08
C GLY A 231 -2.79 -11.68 8.49
N GLY A 232 -3.93 -12.33 8.63
CA GLY A 232 -4.33 -12.83 9.94
C GLY A 232 -3.42 -13.94 10.43
N GLU A 233 -2.94 -14.75 9.49
CA GLU A 233 -2.06 -15.85 9.85
C GLU A 233 -0.77 -15.29 10.53
N ILE A 234 -0.23 -14.22 9.97
CA ILE A 234 0.97 -13.63 10.55
C ILE A 234 0.61 -12.99 11.91
N VAL A 235 -0.52 -12.29 11.97
CA VAL A 235 -0.95 -11.68 13.25
C VAL A 235 -0.99 -12.72 14.35
N ARG A 236 -1.54 -13.89 14.07
CA ARG A 236 -1.65 -14.95 15.05
C ARG A 236 -0.29 -15.50 15.42
N PHE A 237 0.62 -15.65 14.46
CA PHE A 237 1.92 -16.14 14.85
C PHE A 237 2.69 -15.08 15.65
N LEU A 238 2.59 -13.80 15.25
CA LEU A 238 3.35 -12.78 15.96
C LEU A 238 2.85 -12.61 17.40
N GLY A 239 1.55 -12.82 17.64
CA GLY A 239 1.03 -12.69 18.98
C GLY A 239 0.69 -11.24 19.26
N GLN A 240 1.55 -10.34 18.80
CA GLN A 240 1.37 -8.90 18.95
C GLN A 240 1.72 -8.20 17.61
N GLY A 241 0.91 -7.23 17.19
CA GLY A 241 1.24 -6.55 15.95
C GLY A 241 0.97 -7.39 14.72
N SER A 242 1.34 -6.87 13.56
CA SER A 242 1.10 -7.56 12.30
C SER A 242 2.31 -7.47 11.38
N ALA A 243 2.14 -7.95 10.15
CA ALA A 243 3.21 -7.96 9.14
C ALA A 243 3.80 -6.60 8.90
N TYR A 244 5.11 -6.54 8.59
CA TYR A 244 5.70 -5.27 8.28
C TYR A 244 6.81 -5.31 7.23
N TYR A 245 7.50 -6.45 7.09
CA TYR A 245 8.58 -6.49 6.11
C TYR A 245 8.06 -6.36 4.70
N ALA A 246 7.04 -7.15 4.35
CA ALA A 246 6.51 -7.09 3.00
C ALA A 246 5.65 -5.86 2.77
N PRO A 247 4.87 -5.43 3.78
CA PRO A 247 4.07 -4.21 3.58
C PRO A 247 5.04 -3.02 3.34
N ALA A 248 6.15 -2.95 4.10
CA ALA A 248 7.15 -1.86 3.89
C ALA A 248 7.76 -1.95 2.49
N ALA A 249 8.21 -3.14 2.09
CA ALA A 249 8.82 -3.27 0.74
C ALA A 249 7.81 -2.87 -0.34
N SER A 250 6.53 -3.20 -0.12
CA SER A 250 5.50 -2.87 -1.11
C SER A 250 5.32 -1.37 -1.28
N ALA A 251 5.19 -0.67 -0.16
CA ALA A 251 4.97 0.77 -0.19
C ALA A 251 6.17 1.47 -0.78
N VAL A 252 7.36 0.98 -0.44
CA VAL A 252 8.57 1.60 -0.95
C VAL A 252 8.73 1.30 -2.43
N ALA A 253 8.32 0.12 -2.88
CA ALA A 253 8.43 -0.14 -4.34
C ALA A 253 7.52 0.87 -5.08
N MET A 254 6.34 1.14 -4.53
CA MET A 254 5.41 2.11 -5.12
C MET A 254 6.03 3.50 -5.12
N ALA A 255 6.62 3.90 -3.98
CA ALA A 255 7.21 5.19 -3.90
C ALA A 255 8.38 5.33 -4.88
N THR A 256 9.16 4.27 -5.04
CA THR A 256 10.31 4.31 -5.94
C THR A 256 9.87 4.47 -7.39
N SER A 257 8.78 3.81 -7.78
CA SER A 257 8.31 3.91 -9.17
C SER A 257 7.89 5.38 -9.45
N PHE A 258 7.35 6.04 -8.42
CA PHE A 258 6.96 7.45 -8.57
C PHE A 258 8.22 8.34 -8.63
N LEU A 259 9.10 8.20 -7.64
CA LEU A 259 10.28 9.06 -7.53
C LEU A 259 11.24 8.98 -8.70
N ASN A 260 11.28 7.82 -9.34
CA ASN A 260 12.16 7.60 -10.50
C ASN A 260 11.41 7.43 -11.80
N ASP A 261 10.12 7.78 -11.78
CA ASP A 261 9.28 7.70 -12.96
C ASP A 261 9.54 6.39 -13.66
N GLU A 262 9.38 5.27 -12.94
CA GLU A 262 9.66 3.97 -13.51
C GLU A 262 8.52 3.46 -14.37
N LYS A 263 7.29 3.86 -14.04
CA LYS A 263 6.10 3.39 -14.76
C LYS A 263 5.89 1.90 -14.54
N ARG A 264 6.11 1.43 -13.31
CA ARG A 264 5.86 0.05 -12.96
C ARG A 264 4.36 -0.15 -12.94
N VAL A 265 3.93 -1.40 -13.15
CA VAL A 265 2.51 -1.79 -13.11
C VAL A 265 2.34 -2.51 -11.77
N ILE A 266 1.58 -1.86 -10.89
CA ILE A 266 1.39 -2.34 -9.55
C ILE A 266 -0.06 -2.17 -9.10
N PRO A 267 -0.67 -3.24 -8.63
CA PRO A 267 -2.05 -3.18 -8.16
C PRO A 267 -1.99 -2.32 -6.89
N CYS A 268 -2.88 -1.34 -6.75
CA CYS A 268 -2.89 -0.49 -5.57
C CYS A 268 -4.24 0.27 -5.56
N SER A 269 -4.62 0.84 -4.41
CA SER A 269 -5.92 1.54 -4.32
C SER A 269 -5.84 2.82 -5.09
N VAL A 270 -6.59 2.90 -6.20
CA VAL A 270 -6.55 4.07 -7.07
C VAL A 270 -7.90 4.69 -7.39
N TYR A 271 -7.82 5.95 -7.82
CA TYR A 271 -9.01 6.74 -8.12
C TYR A 271 -9.66 6.30 -9.40
N CYS A 272 -10.94 5.96 -9.34
CA CYS A 272 -11.68 5.54 -10.54
C CYS A 272 -12.69 6.56 -11.00
N ASN A 273 -12.77 6.76 -12.30
CA ASN A 273 -13.79 7.62 -12.86
C ASN A 273 -14.11 7.00 -14.19
N GLY A 274 -14.92 5.94 -14.15
CA GLY A 274 -15.32 5.24 -15.36
C GLY A 274 -14.84 3.80 -15.48
N GLU A 275 -13.61 3.50 -15.04
CA GLU A 275 -13.11 2.14 -15.15
C GLU A 275 -13.97 1.20 -14.34
N TYR A 276 -14.25 0.03 -14.91
CA TYR A 276 -15.06 -0.95 -14.22
C TYR A 276 -16.43 -0.37 -13.84
N GLY A 277 -16.74 0.80 -14.40
CA GLY A 277 -18.02 1.45 -14.12
C GLY A 277 -18.09 2.16 -12.78
N LEU A 278 -16.94 2.36 -12.15
CA LEU A 278 -16.89 2.99 -10.84
C LEU A 278 -16.65 4.49 -10.92
N LYS A 279 -17.26 5.25 -10.02
CA LYS A 279 -17.05 6.70 -10.03
C LYS A 279 -16.74 7.26 -8.66
N ASP A 280 -15.88 8.27 -8.66
CA ASP A 280 -15.49 8.95 -7.44
C ASP A 280 -15.19 8.05 -6.25
N MET A 281 -14.36 7.04 -6.44
CA MET A 281 -14.00 6.18 -5.33
C MET A 281 -12.64 5.55 -5.60
N PHE A 282 -12.02 5.06 -4.53
CA PHE A 282 -10.73 4.41 -4.67
C PHE A 282 -10.97 2.95 -4.40
N ILE A 283 -10.31 2.08 -5.16
CA ILE A 283 -10.41 0.65 -4.92
C ILE A 283 -9.14 -0.02 -5.49
N GLY A 284 -8.81 -1.21 -5.01
CA GLY A 284 -7.59 -1.87 -5.49
C GLY A 284 -7.62 -2.39 -6.92
N LEU A 285 -6.80 -1.81 -7.79
CA LEU A 285 -6.75 -2.20 -9.19
C LEU A 285 -5.32 -2.03 -9.73
N PRO A 286 -5.03 -2.67 -10.88
CA PRO A 286 -3.71 -2.57 -11.51
C PRO A 286 -3.56 -1.16 -12.07
N ALA A 287 -2.43 -0.52 -11.77
CA ALA A 287 -2.22 0.84 -12.19
C ALA A 287 -0.76 0.99 -12.58
N VAL A 288 -0.47 2.05 -13.33
CA VAL A 288 0.87 2.36 -13.77
C VAL A 288 1.26 3.54 -12.89
N ILE A 289 2.40 3.44 -12.21
CA ILE A 289 2.87 4.51 -11.32
C ILE A 289 4.13 5.10 -11.90
N GLY A 290 4.05 6.39 -12.24
CA GLY A 290 5.19 7.09 -12.79
C GLY A 290 5.41 8.45 -12.12
N GLY A 291 6.20 9.30 -12.77
CA GLY A 291 6.51 10.62 -12.26
C GLY A 291 5.32 11.56 -12.17
N ALA A 292 4.20 11.18 -12.79
CA ALA A 292 2.97 11.98 -12.74
C ALA A 292 1.99 11.19 -11.89
N GLY A 293 2.52 10.37 -10.98
CA GLY A 293 1.67 9.61 -10.09
C GLY A 293 1.00 8.44 -10.79
N ILE A 294 -0.29 8.22 -10.54
CA ILE A 294 -1.04 7.13 -11.16
C ILE A 294 -1.30 7.59 -12.61
N GLU A 295 -0.55 7.07 -13.57
CA GLU A 295 -0.69 7.45 -14.99
C GLU A 295 -1.73 6.67 -15.81
N ARG A 296 -2.16 5.52 -15.30
CA ARG A 296 -3.15 4.69 -15.98
C ARG A 296 -3.73 3.73 -14.99
N VAL A 297 -5.05 3.50 -15.09
CA VAL A 297 -5.69 2.51 -14.22
C VAL A 297 -6.07 1.48 -15.28
N ILE A 298 -5.64 0.23 -15.09
CA ILE A 298 -5.88 -0.79 -16.11
C ILE A 298 -7.20 -1.48 -15.89
N GLU A 299 -8.01 -1.57 -16.94
CA GLU A 299 -9.30 -2.23 -16.84
C GLU A 299 -9.21 -3.64 -17.40
N LEU A 300 -9.37 -4.63 -16.53
CA LEU A 300 -9.30 -6.01 -16.94
C LEU A 300 -10.66 -6.51 -17.38
N GLU A 301 -10.66 -7.44 -18.32
CA GLU A 301 -11.89 -8.05 -18.79
C GLU A 301 -12.21 -9.11 -17.74
N LEU A 302 -13.15 -8.86 -16.84
CA LEU A 302 -13.46 -9.86 -15.82
C LEU A 302 -14.59 -10.78 -16.26
N ASN A 303 -14.52 -12.07 -15.92
CA ASN A 303 -15.60 -12.95 -16.30
C ASN A 303 -16.74 -12.83 -15.30
N GLU A 304 -17.78 -13.63 -15.48
CA GLU A 304 -18.95 -13.58 -14.61
C GLU A 304 -18.61 -13.73 -13.14
N GLU A 305 -17.92 -14.80 -12.80
CA GLU A 305 -17.54 -15.04 -11.40
C GLU A 305 -16.62 -13.96 -10.83
N GLU A 306 -15.69 -13.46 -11.63
CA GLU A 306 -14.77 -12.41 -11.16
C GLU A 306 -15.54 -11.11 -10.88
N LYS A 307 -16.47 -10.74 -11.77
CA LYS A 307 -17.28 -9.55 -11.59
C LYS A 307 -18.07 -9.66 -10.29
N LYS A 308 -18.60 -10.84 -10.04
CA LYS A 308 -19.37 -11.10 -8.83
C LYS A 308 -18.52 -10.89 -7.58
N GLN A 309 -17.30 -11.44 -7.55
CA GLN A 309 -16.45 -11.22 -6.38
C GLN A 309 -15.96 -9.77 -6.27
N PHE A 310 -15.63 -9.14 -7.39
CA PHE A 310 -15.19 -7.74 -7.37
C PHE A 310 -16.35 -6.88 -6.84
N GLN A 311 -17.56 -7.14 -7.32
CA GLN A 311 -18.76 -6.40 -6.90
C GLN A 311 -18.88 -6.37 -5.39
N LYS A 312 -18.54 -7.49 -4.79
CA LYS A 312 -18.54 -7.66 -3.35
C LYS A 312 -17.54 -6.71 -2.72
N SER A 313 -16.39 -6.54 -3.37
CA SER A 313 -15.38 -5.64 -2.84
C SER A 313 -15.94 -4.25 -2.94
N VAL A 314 -16.55 -3.96 -4.08
CA VAL A 314 -17.14 -2.65 -4.29
C VAL A 314 -18.19 -2.31 -3.23
N ASP A 315 -19.22 -3.15 -3.12
CA ASP A 315 -20.27 -2.90 -2.13
C ASP A 315 -19.62 -2.59 -0.78
N ASP A 316 -18.62 -3.39 -0.43
CA ASP A 316 -17.94 -3.21 0.86
C ASP A 316 -17.29 -1.83 1.00
N VAL A 317 -16.62 -1.35 -0.05
CA VAL A 317 -16.02 -0.03 0.02
C VAL A 317 -17.11 1.07 0.05
N MET A 318 -18.19 0.89 -0.71
CA MET A 318 -19.23 1.92 -0.71
C MET A 318 -19.90 2.04 0.66
N ALA A 319 -20.12 0.91 1.31
CA ALA A 319 -20.73 0.91 2.64
C ALA A 319 -19.85 1.63 3.67
N LEU A 320 -18.55 1.39 3.64
CA LEU A 320 -17.68 2.05 4.61
C LEU A 320 -17.63 3.55 4.32
N ASN A 321 -17.57 3.93 3.04
CA ASN A 321 -17.55 5.35 2.71
C ASN A 321 -18.82 6.05 3.19
N LYS A 322 -19.98 5.40 3.08
CA LYS A 322 -21.22 6.01 3.55
C LYS A 322 -21.08 6.20 5.07
N ALA A 323 -20.60 5.16 5.75
CA ALA A 323 -20.40 5.23 7.19
C ALA A 323 -19.45 6.36 7.56
N VAL A 324 -18.47 6.66 6.71
CA VAL A 324 -17.54 7.75 7.01
C VAL A 324 -18.25 9.10 6.82
N ALA A 325 -19.00 9.23 5.73
CA ALA A 325 -19.74 10.48 5.50
C ALA A 325 -20.75 10.71 6.64
N ALA A 326 -21.45 9.64 7.04
CA ALA A 326 -22.44 9.69 8.11
C ALA A 326 -21.87 10.07 9.47
N LEU A 327 -20.56 10.28 9.54
CA LEU A 327 -19.91 10.68 10.78
C LEU A 327 -19.69 12.18 10.80
N GLN A 328 -19.90 12.82 9.66
CA GLN A 328 -19.76 14.28 9.57
C GLN A 328 -21.14 14.94 9.49
#